data_6XYB
#
_entry.id   6XYB
#
_cell.length_a   66.701
_cell.length_b   44.487
_cell.length_c   69.544
_cell.angle_alpha   90.000
_cell.angle_beta   93.460
_cell.angle_gamma   90.000
#
_symmetry.space_group_name_H-M   'P 1 21 1'
#
loop_
_entity.id
_entity.type
_entity.pdbx_description
1 polymer 'Uncharacterized protein'
2 non-polymer 'IODIDE ION'
3 non-polymer 'POTASSIUM ION'
4 non-polymer 'MAGNESIUM ION'
5 non-polymer 'CHLORIDE ION'
6 water water
#
_entity_poly.entity_id   1
_entity_poly.type   'polypeptide(L)'
_entity_poly.pdbx_seq_one_letter_code
;GSHMPNLCVSATFNPPVITMLGSALREETVKLLEQRIPTGVSTSSSPSKDPVKFLFYPNPDHWRMELSQHF(CSO)DDLH
KSAVFLTIIEGLEGEGWNLRASNSIRDSESGKDTTKLFFARRN
;
_entity_poly.pdbx_strand_id   A,B,C,D
#
loop_
_chem_comp.id
_chem_comp.type
_chem_comp.name
_chem_comp.formula
CL non-polymer 'CHLORIDE ION' 'Cl -1'
IOD non-polymer 'IODIDE ION' 'I -1'
K non-polymer 'POTASSIUM ION' 'K 1'
MG non-polymer 'MAGNESIUM ION' 'Mg 2'
#
# COMPACT_ATOMS: atom_id res chain seq x y z
N GLY A 1 14.28 -11.80 -16.22
CA GLY A 1 13.27 -12.79 -16.69
C GLY A 1 12.39 -12.21 -17.80
N SER A 2 11.63 -13.16 -18.43
CA SER A 2 10.70 -12.91 -19.56
C SER A 2 9.97 -11.65 -19.20
N HIS A 3 9.53 -11.72 -17.94
CA HIS A 3 8.93 -10.69 -17.08
C HIS A 3 9.21 -11.19 -15.65
N MET A 4 10.39 -10.88 -15.07
CA MET A 4 10.89 -11.44 -13.77
C MET A 4 9.71 -11.83 -12.89
N PRO A 5 9.64 -13.03 -12.26
CA PRO A 5 8.36 -13.60 -11.88
C PRO A 5 7.70 -12.94 -10.66
N ASN A 6 6.56 -12.31 -10.92
CA ASN A 6 5.74 -11.72 -9.82
C ASN A 6 4.32 -12.27 -9.86
N LEU A 7 3.62 -12.13 -8.78
CA LEU A 7 2.25 -12.65 -8.62
C LEU A 7 1.42 -11.50 -8.06
N CYS A 8 0.15 -11.40 -8.48
CA CYS A 8 -0.85 -10.52 -7.93
C CYS A 8 -2.03 -11.37 -7.49
N VAL A 9 -2.40 -11.27 -6.22
CA VAL A 9 -3.67 -11.75 -5.67
C VAL A 9 -4.59 -10.59 -5.37
N SER A 10 -5.81 -10.63 -5.90
CA SER A 10 -6.82 -9.60 -5.61
C SER A 10 -8.03 -10.25 -4.94
N ALA A 11 -8.59 -9.57 -3.94
CA ALA A 11 -9.76 -10.10 -3.23
C ALA A 11 -10.77 -8.95 -3.12
N THR A 12 -11.96 -9.17 -3.63
CA THR A 12 -13.10 -8.24 -3.47
C THR A 12 -14.16 -8.88 -2.58
N PHE A 13 -14.74 -8.09 -1.66
CA PHE A 13 -15.84 -8.53 -0.76
C PHE A 13 -16.95 -7.47 -0.79
N ASN A 14 -18.24 -7.81 -0.64
CA ASN A 14 -18.76 -9.16 -0.52
C ASN A 14 -19.75 -9.39 -1.67
N PRO A 15 -20.02 -10.64 -2.12
CA PRO A 15 -19.39 -11.83 -1.58
C PRO A 15 -17.94 -11.93 -2.03
N PRO A 16 -17.17 -12.84 -1.38
CA PRO A 16 -15.74 -12.98 -1.68
C PRO A 16 -15.47 -13.48 -3.12
N VAL A 17 -14.68 -12.70 -3.86
CA VAL A 17 -14.14 -13.10 -5.15
C VAL A 17 -12.64 -12.94 -5.12
N ILE A 18 -11.90 -14.04 -5.30
CA ILE A 18 -10.44 -14.06 -5.23
C ILE A 18 -9.89 -14.34 -6.63
N THR A 19 -8.99 -13.52 -7.11
CA THR A 19 -8.31 -13.74 -8.40
C THR A 19 -6.80 -13.80 -8.19
N MET A 20 -6.14 -14.69 -8.94
CA MET A 20 -4.69 -14.91 -8.83
C MET A 20 -4.06 -14.83 -10.22
N LEU A 21 -3.08 -13.97 -10.42
CA LEU A 21 -2.47 -13.64 -11.72
C LEU A 21 -0.98 -13.77 -11.55
N GLY A 22 -0.32 -14.33 -12.53
CA GLY A 22 1.13 -14.38 -12.62
C GLY A 22 1.55 -15.49 -13.57
N SER A 23 2.48 -15.17 -14.44
CA SER A 23 3.03 -16.09 -15.47
CA SER A 23 2.99 -16.11 -15.48
C SER A 23 3.59 -17.38 -14.84
N ALA A 24 4.28 -17.27 -13.70
CA ALA A 24 4.98 -18.45 -13.14
C ALA A 24 4.09 -19.13 -12.08
N LEU A 25 2.79 -18.75 -11.98
CA LEU A 25 1.95 -19.37 -10.97
C LEU A 25 1.57 -20.75 -11.48
N ARG A 26 1.89 -21.80 -10.73
CA ARG A 26 1.53 -23.18 -11.14
C ARG A 26 0.17 -23.54 -10.52
N GLU A 27 -0.54 -24.46 -11.20
CA GLU A 27 -1.90 -24.91 -10.74
C GLU A 27 -1.79 -25.58 -9.36
N GLU A 28 -0.68 -26.25 -9.08
CA GLU A 28 -0.43 -26.92 -7.75
C GLU A 28 -0.48 -25.89 -6.62
N THR A 29 0.04 -24.66 -6.82
CA THR A 29 -0.02 -23.63 -5.76
C THR A 29 -1.45 -23.16 -5.58
N VAL A 30 -2.20 -23.01 -6.66
CA VAL A 30 -3.65 -22.64 -6.63
C VAL A 30 -4.41 -23.71 -5.84
N LYS A 31 -4.12 -24.97 -6.09
CA LYS A 31 -4.78 -26.09 -5.36
C LYS A 31 -4.47 -26.04 -3.85
N LEU A 32 -3.23 -25.73 -3.45
CA LEU A 32 -2.89 -25.57 -2.00
C LEU A 32 -3.75 -24.46 -1.36
N LEU A 33 -3.88 -23.33 -2.05
CA LEU A 33 -4.62 -22.20 -1.47
C LEU A 33 -6.10 -22.54 -1.39
N GLU A 34 -6.60 -23.27 -2.38
CA GLU A 34 -8.02 -23.71 -2.46
C GLU A 34 -8.35 -24.40 -1.13
N GLN A 35 -7.40 -25.19 -0.63
CA GLN A 35 -7.59 -26.02 0.58
C GLN A 35 -7.52 -25.12 1.84
N ARG A 36 -6.61 -24.16 1.88
CA ARG A 36 -6.36 -23.31 3.07
C ARG A 36 -7.49 -22.29 3.28
N ILE A 37 -7.99 -21.67 2.21
CA ILE A 37 -8.91 -20.49 2.30
C ILE A 37 -10.21 -20.87 3.02
N PRO A 38 -10.98 -21.86 2.50
CA PRO A 38 -12.25 -22.27 3.07
C PRO A 38 -12.54 -21.83 4.51
N PRO A 51 -17.42 -27.05 -1.10
CA PRO A 51 -16.00 -27.20 -1.43
C PRO A 51 -15.67 -26.49 -2.76
N VAL A 52 -15.31 -25.20 -2.67
CA VAL A 52 -15.20 -24.23 -3.80
C VAL A 52 -13.86 -24.44 -4.52
N LYS A 53 -13.86 -24.23 -5.84
CA LYS A 53 -12.65 -24.31 -6.71
C LYS A 53 -12.30 -22.94 -7.31
N PHE A 54 -11.02 -22.73 -7.59
CA PHE A 54 -10.58 -21.79 -8.65
C PHE A 54 -10.84 -22.32 -10.06
N LEU A 55 -11.44 -21.48 -10.91
CA LEU A 55 -11.53 -21.73 -12.37
C LEU A 55 -10.47 -20.91 -13.10
N PHE A 56 -9.91 -21.48 -14.17
CA PHE A 56 -8.93 -20.80 -15.04
C PHE A 56 -9.60 -20.09 -16.20
N TYR A 57 -9.22 -18.84 -16.42
CA TYR A 57 -9.60 -18.04 -17.61
C TYR A 57 -8.36 -17.42 -18.28
N PRO A 58 -8.37 -17.25 -19.63
CA PRO A 58 -7.23 -16.68 -20.32
C PRO A 58 -7.31 -15.16 -20.53
N ASN A 59 -6.17 -14.58 -20.90
CA ASN A 59 -6.07 -13.22 -21.52
C ASN A 59 -6.87 -12.19 -20.72
N PRO A 60 -6.46 -11.82 -19.48
CA PRO A 60 -5.19 -12.28 -18.91
C PRO A 60 -5.28 -13.64 -18.21
N ASP A 61 -4.24 -14.44 -18.34
CA ASP A 61 -4.28 -15.80 -17.74
C ASP A 61 -4.36 -15.73 -16.20
N HIS A 62 -5.38 -16.35 -15.62
CA HIS A 62 -5.58 -16.22 -14.18
C HIS A 62 -6.59 -17.21 -13.61
N TRP A 63 -6.62 -17.32 -12.29
CA TRP A 63 -7.53 -18.23 -11.56
C TRP A 63 -8.52 -17.37 -10.76
N ARG A 64 -9.80 -17.74 -10.76
CA ARG A 64 -10.90 -17.01 -10.09
C ARG A 64 -11.71 -17.96 -9.23
N MET A 65 -11.91 -17.60 -7.97
CA MET A 65 -12.77 -18.33 -7.05
C MET A 65 -13.81 -17.35 -6.50
N GLU A 66 -15.05 -17.74 -6.50
CA GLU A 66 -16.13 -16.92 -5.94
C GLU A 66 -16.79 -17.76 -4.87
N LEU A 67 -16.94 -17.15 -3.69
CA LEU A 67 -17.72 -17.80 -2.61
C LEU A 67 -19.12 -17.14 -2.52
N SER A 68 -19.93 -17.36 -3.56
CA SER A 68 -21.25 -16.72 -3.82
C SER A 68 -22.10 -16.68 -2.55
N GLN A 69 -21.98 -17.71 -1.71
CA GLN A 69 -22.86 -17.91 -0.53
C GLN A 69 -22.30 -17.12 0.65
N HIS A 70 -20.97 -17.03 0.77
CA HIS A 70 -20.26 -16.59 2.00
C HIS A 70 -20.28 -15.06 2.14
N PHE A 71 -20.12 -14.60 3.39
CA PHE A 71 -19.99 -13.17 3.74
C PHE A 71 -18.86 -13.13 4.76
N CSO A 72 -17.83 -12.33 4.47
CA CSO A 72 -16.64 -12.12 5.33
CB CSO A 72 -15.36 -12.16 4.55
SG CSO A 72 -15.06 -13.76 3.77
C CSO A 72 -16.72 -10.74 5.99
O CSO A 72 -16.74 -9.74 5.26
OD CSO A 72 -14.98 -14.99 4.89
N ASP A 73 -16.72 -10.70 7.31
CA ASP A 73 -16.61 -9.44 8.07
C ASP A 73 -15.10 -9.10 8.07
N ASP A 74 -14.76 -7.97 8.69
CA ASP A 74 -13.35 -7.50 8.68
C ASP A 74 -12.40 -8.57 9.25
N LEU A 75 -12.76 -9.20 10.36
CA LEU A 75 -11.87 -10.22 10.99
C LEU A 75 -11.62 -11.37 10.03
N HIS A 76 -12.67 -11.85 9.40
CA HIS A 76 -12.55 -12.99 8.45
C HIS A 76 -11.82 -12.56 7.18
N LYS A 77 -11.92 -11.28 6.77
CA LYS A 77 -11.10 -10.78 5.60
C LYS A 77 -9.64 -10.85 6.01
N SER A 78 -9.30 -10.36 7.21
CA SER A 78 -7.93 -10.42 7.73
C SER A 78 -7.44 -11.88 7.72
N ALA A 79 -8.27 -12.82 8.19
CA ALA A 79 -7.92 -14.25 8.19
C ALA A 79 -7.65 -14.77 6.75
N VAL A 80 -8.48 -14.40 5.77
CA VAL A 80 -8.31 -14.82 4.36
C VAL A 80 -6.97 -14.29 3.87
N PHE A 81 -6.69 -13.01 4.10
CA PHE A 81 -5.41 -12.48 3.63
C PHE A 81 -4.25 -13.21 4.28
N LEU A 82 -4.32 -13.41 5.58
CA LEU A 82 -3.21 -14.10 6.30
C LEU A 82 -3.01 -15.51 5.74
N THR A 83 -4.07 -16.26 5.44
CA THR A 83 -3.96 -17.66 4.97
CA THR A 83 -3.92 -17.66 5.00
C THR A 83 -3.36 -17.63 3.56
N ILE A 84 -3.72 -16.62 2.75
CA ILE A 84 -3.16 -16.51 1.38
C ILE A 84 -1.67 -16.23 1.50
N ILE A 85 -1.33 -15.25 2.33
CA ILE A 85 0.10 -14.89 2.47
C ILE A 85 0.93 -16.06 2.99
N GLU A 86 0.47 -16.72 4.05
CA GLU A 86 1.23 -17.86 4.64
C GLU A 86 1.33 -18.99 3.62
N GLY A 87 0.25 -19.37 2.95
CA GLY A 87 0.37 -20.44 1.94
C GLY A 87 1.33 -20.09 0.79
N LEU A 88 1.32 -18.83 0.35
CA LEU A 88 2.21 -18.43 -0.75
C LEU A 88 3.66 -18.38 -0.21
N GLU A 89 3.88 -17.93 1.02
CA GLU A 89 5.23 -17.85 1.58
C GLU A 89 5.84 -19.27 1.49
N GLY A 90 5.09 -20.33 1.86
CA GLY A 90 5.62 -21.71 1.92
C GLY A 90 5.95 -22.17 0.52
N GLU A 91 5.27 -21.64 -0.48
CA GLU A 91 5.55 -21.97 -1.90
C GLU A 91 6.67 -21.12 -2.53
N GLY A 92 7.36 -20.27 -1.73
CA GLY A 92 8.45 -19.45 -2.25
C GLY A 92 8.06 -18.05 -2.74
N TRP A 93 6.82 -17.59 -2.46
CA TRP A 93 6.27 -16.28 -2.88
C TRP A 93 6.22 -15.36 -1.67
N ASN A 94 7.03 -14.31 -1.68
CA ASN A 94 7.22 -13.34 -0.59
C ASN A 94 6.36 -12.08 -0.85
N LEU A 95 5.68 -11.64 0.18
CA LEU A 95 4.82 -10.45 0.06
C LEU A 95 5.67 -9.18 -0.05
N ARG A 96 5.44 -8.37 -1.08
CA ARG A 96 6.23 -7.14 -1.32
C ARG A 96 5.41 -5.89 -1.10
N ALA A 97 4.09 -5.92 -1.36
CA ALA A 97 3.30 -4.64 -1.27
C ALA A 97 1.82 -5.07 -1.24
N SER A 98 1.01 -4.13 -0.82
CA SER A 98 -0.45 -4.28 -0.79
CA SER A 98 -0.46 -4.26 -0.81
C SER A 98 -1.12 -2.93 -1.02
N ASN A 99 -2.33 -2.98 -1.52
CA ASN A 99 -3.14 -1.72 -1.60
C ASN A 99 -4.60 -2.12 -1.50
N SER A 100 -5.44 -1.14 -1.18
CA SER A 100 -6.85 -1.43 -1.05
C SER A 100 -7.67 -0.18 -1.39
N ILE A 101 -8.91 -0.41 -1.83
CA ILE A 101 -9.95 0.66 -2.00
C ILE A 101 -11.33 0.16 -1.55
N ARG A 102 -12.21 1.12 -1.23
CA ARG A 102 -13.63 0.80 -1.05
C ARG A 102 -14.45 1.65 -2.00
N ASP A 103 -15.42 1.02 -2.63
CA ASP A 103 -16.46 1.67 -3.48
C ASP A 103 -17.68 1.91 -2.62
N SER A 104 -18.06 3.18 -2.45
CA SER A 104 -19.25 3.61 -1.68
C SER A 104 -20.55 3.24 -2.40
N GLU A 105 -20.55 3.28 -3.74
CA GLU A 105 -21.74 2.96 -4.58
C GLU A 105 -22.12 1.50 -4.36
N SER A 106 -21.17 0.58 -4.47
CA SER A 106 -21.41 -0.89 -4.49
C SER A 106 -21.30 -1.46 -3.08
N GLY A 107 -20.62 -0.75 -2.18
CA GLY A 107 -20.31 -1.21 -0.82
C GLY A 107 -19.29 -2.34 -0.84
N LYS A 108 -18.55 -2.48 -1.93
CA LYS A 108 -17.46 -3.48 -2.02
C LYS A 108 -16.06 -2.93 -1.79
N ASP A 109 -15.24 -3.71 -1.15
CA ASP A 109 -13.80 -3.36 -1.00
C ASP A 109 -12.93 -4.35 -1.75
N THR A 110 -11.82 -3.86 -2.24
CA THR A 110 -10.88 -4.63 -3.06
C THR A 110 -9.46 -4.39 -2.55
N THR A 111 -8.80 -5.53 -2.25
CA THR A 111 -7.45 -5.52 -1.78
C THR A 111 -6.57 -6.29 -2.72
N LYS A 112 -5.43 -5.73 -3.05
CA LYS A 112 -4.44 -6.40 -3.92
C LYS A 112 -3.14 -6.66 -3.16
N LEU A 113 -2.61 -7.86 -3.34
CA LEU A 113 -1.38 -8.34 -2.71
C LEU A 113 -0.38 -8.65 -3.80
N PHE A 114 0.83 -8.16 -3.71
CA PHE A 114 1.89 -8.34 -4.72
C PHE A 114 3.04 -9.17 -4.12
N PHE A 115 3.42 -10.24 -4.84
CA PHE A 115 4.44 -11.20 -4.37
C PHE A 115 5.56 -11.35 -5.37
N ALA A 116 6.72 -11.68 -4.85
CA ALA A 116 7.91 -11.98 -5.68
C ALA A 116 8.62 -13.19 -5.12
N ARG A 117 9.41 -13.84 -6.00
CA ARG A 117 10.22 -14.99 -5.56
C ARG A 117 11.38 -14.55 -4.68
N ARG A 118 11.92 -15.50 -3.89
CA ARG A 118 12.87 -15.30 -2.77
C ARG A 118 14.27 -15.68 -3.23
N MET B 4 6.15 -20.86 8.38
CA MET B 4 5.97 -19.65 7.48
C MET B 4 5.21 -18.58 8.25
N PRO B 5 5.75 -18.03 9.36
CA PRO B 5 4.95 -17.27 10.31
C PRO B 5 4.71 -15.84 9.79
N ASN B 6 3.45 -15.50 9.58
CA ASN B 6 3.01 -14.13 9.25
C ASN B 6 2.07 -13.63 10.34
N LEU B 7 1.90 -12.31 10.38
CA LEU B 7 1.04 -11.60 11.35
C LEU B 7 0.30 -10.53 10.58
N CYS B 8 -1.00 -10.40 10.84
CA CYS B 8 -1.80 -9.24 10.39
C CYS B 8 -2.28 -8.44 11.59
N VAL B 9 -1.99 -7.16 11.55
CA VAL B 9 -2.58 -6.20 12.51
C VAL B 9 -3.55 -5.31 11.75
N SER B 10 -4.78 -5.20 12.26
CA SER B 10 -5.80 -4.32 11.64
C SER B 10 -6.22 -3.31 12.71
N ALA B 11 -6.36 -2.05 12.28
CA ALA B 11 -6.77 -0.94 13.15
C ALA B 11 -7.87 -0.16 12.47
N THR B 12 -8.98 -0.04 13.15
CA THR B 12 -10.14 0.70 12.65
C THR B 12 -10.35 1.86 13.64
N PHE B 13 -10.76 3.01 13.11
CA PHE B 13 -11.00 4.26 13.88
C PHE B 13 -12.26 4.93 13.30
N ASN B 14 -13.06 5.64 14.10
CA ASN B 14 -13.00 5.73 15.55
C ASN B 14 -14.31 5.14 16.11
N PRO B 15 -14.35 4.69 17.39
CA PRO B 15 -13.20 4.68 18.27
C PRO B 15 -12.22 3.57 17.88
N PRO B 16 -10.98 3.64 18.40
CA PRO B 16 -9.96 2.66 18.02
C PRO B 16 -10.28 1.21 18.41
N VAL B 17 -10.21 0.33 17.42
CA VAL B 17 -10.30 -1.13 17.62
C VAL B 17 -9.12 -1.78 16.92
N ILE B 18 -8.24 -2.43 17.67
CA ILE B 18 -7.00 -3.04 17.12
C ILE B 18 -7.11 -4.55 17.22
N THR B 19 -6.96 -5.21 16.08
CA THR B 19 -7.00 -6.67 16.00
C THR B 19 -5.64 -7.20 15.58
N MET B 20 -5.23 -8.33 16.16
CA MET B 20 -3.98 -9.03 15.78
C MET B 20 -4.27 -10.50 15.53
N LEU B 21 -3.86 -11.01 14.37
CA LEU B 21 -3.99 -12.41 13.90
C LEU B 21 -2.63 -12.94 13.49
N GLY B 22 -2.31 -14.16 13.90
CA GLY B 22 -1.05 -14.85 13.53
C GLY B 22 -0.72 -15.90 14.54
N SER B 23 -0.77 -17.16 14.15
CA SER B 23 -0.65 -18.36 15.05
C SER B 23 0.61 -18.27 15.91
N ALA B 24 1.67 -17.60 15.44
CA ALA B 24 3.00 -17.56 16.11
C ALA B 24 3.11 -16.33 17.02
N LEU B 25 2.03 -15.55 17.16
CA LEU B 25 2.05 -14.32 17.99
C LEU B 25 2.02 -14.73 19.47
N ARG B 26 2.98 -14.22 20.22
CA ARG B 26 3.14 -14.58 21.66
C ARG B 26 2.36 -13.62 22.54
N GLU B 27 1.79 -14.12 23.64
CA GLU B 27 1.03 -13.29 24.62
C GLU B 27 2.01 -12.24 25.17
N GLU B 28 3.30 -12.59 25.30
CA GLU B 28 4.38 -11.67 25.81
C GLU B 28 4.47 -10.42 24.90
N THR B 29 4.35 -10.62 23.57
CA THR B 29 4.34 -9.53 22.54
C THR B 29 3.06 -8.70 22.70
N VAL B 30 1.91 -9.37 22.85
CA VAL B 30 0.60 -8.67 22.99
C VAL B 30 0.72 -7.74 24.20
N LYS B 31 1.35 -8.22 25.28
CA LYS B 31 1.41 -7.45 26.55
C LYS B 31 2.24 -6.17 26.34
N LEU B 32 3.39 -6.30 25.67
CA LEU B 32 4.28 -5.15 25.30
C LEU B 32 3.49 -4.08 24.53
N LEU B 33 2.60 -4.47 23.61
CA LEU B 33 1.82 -3.49 22.78
C LEU B 33 0.71 -2.85 23.62
N GLU B 34 0.03 -3.65 24.45
CA GLU B 34 -0.89 -3.23 25.54
C GLU B 34 -0.29 -2.03 26.28
N GLN B 35 0.97 -2.15 26.69
CA GLN B 35 1.72 -1.15 27.52
C GLN B 35 2.11 0.06 26.67
N ARG B 36 2.46 -0.12 25.39
CA ARG B 36 3.07 0.95 24.54
C ARG B 36 1.99 1.76 23.80
N ILE B 37 0.86 1.14 23.44
CA ILE B 37 -0.29 1.84 22.77
C ILE B 37 -1.00 2.68 23.84
N PRO B 38 -0.72 3.99 23.93
CA PRO B 38 -1.05 4.80 25.12
C PRO B 38 -2.47 5.35 25.11
N VAL B 52 -8.39 -1.45 28.93
CA VAL B 52 -7.26 -1.25 27.96
C VAL B 52 -6.33 -2.48 28.06
N LYS B 53 -6.85 -3.64 27.67
CA LYS B 53 -6.06 -4.86 27.38
C LYS B 53 -6.56 -5.48 26.06
N PHE B 54 -5.68 -6.24 25.42
CA PHE B 54 -6.02 -7.16 24.32
C PHE B 54 -6.65 -8.44 24.88
N LEU B 55 -7.84 -8.76 24.40
CA LEU B 55 -8.58 -9.98 24.76
C LEU B 55 -8.45 -10.98 23.61
N PHE B 56 -8.16 -12.24 23.95
CA PHE B 56 -7.95 -13.35 23.01
C PHE B 56 -9.30 -13.98 22.70
N TYR B 57 -9.58 -14.32 21.46
CA TYR B 57 -10.80 -15.07 21.05
C TYR B 57 -10.37 -16.11 20.03
N PRO B 58 -10.86 -17.36 20.10
CA PRO B 58 -10.56 -18.37 19.08
C PRO B 58 -11.43 -18.29 17.82
N ASN B 59 -10.99 -18.99 16.76
CA ASN B 59 -11.83 -19.42 15.61
C ASN B 59 -12.37 -18.20 14.88
N PRO B 60 -11.53 -17.41 14.16
CA PRO B 60 -10.09 -17.64 14.09
C PRO B 60 -9.42 -17.04 15.33
N ASP B 61 -8.31 -17.63 15.77
CA ASP B 61 -7.53 -17.15 16.93
C ASP B 61 -7.06 -15.70 16.67
N HIS B 62 -7.37 -14.82 17.61
CA HIS B 62 -7.03 -13.38 17.47
C HIS B 62 -7.11 -12.66 18.81
N TRP B 63 -6.43 -11.53 18.88
CA TRP B 63 -6.40 -10.56 19.98
C TRP B 63 -7.13 -9.30 19.56
N ARG B 64 -7.90 -8.73 20.43
CA ARG B 64 -8.64 -7.48 20.20
C ARG B 64 -8.55 -6.58 21.42
N MET B 65 -8.26 -5.32 21.13
CA MET B 65 -8.21 -4.16 22.06
C MET B 65 -9.18 -3.11 21.55
N GLU B 66 -10.20 -2.75 22.29
CA GLU B 66 -11.06 -1.62 21.83
C GLU B 66 -10.86 -0.49 22.81
N LEU B 67 -10.65 0.74 22.34
CA LEU B 67 -10.61 1.94 23.26
C LEU B 67 -11.85 2.79 23.00
N SER B 68 -12.98 2.34 23.57
CA SER B 68 -14.34 2.85 23.24
C SER B 68 -14.49 4.34 23.62
N GLN B 69 -13.66 4.85 24.54
CA GLN B 69 -13.77 6.24 25.07
C GLN B 69 -12.80 7.17 24.31
N HIS B 70 -11.92 6.59 23.50
CA HIS B 70 -10.82 7.34 22.85
C HIS B 70 -11.27 7.80 21.45
N PHE B 71 -10.71 8.93 21.02
CA PHE B 71 -10.75 9.45 19.64
C PHE B 71 -9.35 9.83 19.17
N CSO B 72 -8.90 9.15 18.11
CA CSO B 72 -7.58 9.38 17.47
CB CSO B 72 -6.92 8.10 17.05
SG CSO B 72 -6.66 6.97 18.41
C CSO B 72 -7.73 10.16 16.19
O CSO B 72 -8.43 9.66 15.27
OD CSO B 72 -5.71 7.70 19.53
N ASP B 73 -7.13 11.35 16.14
CA ASP B 73 -7.07 12.11 14.87
C ASP B 73 -5.97 11.52 13.98
N ASP B 74 -5.81 12.10 12.83
CA ASP B 74 -4.83 11.60 11.87
C ASP B 74 -3.42 11.47 12.45
N LEU B 75 -2.98 12.46 13.22
CA LEU B 75 -1.61 12.43 13.77
C LEU B 75 -1.52 11.31 14.79
N HIS B 76 -2.54 11.17 15.62
CA HIS B 76 -2.53 10.07 16.62
C HIS B 76 -2.60 8.69 15.97
N LYS B 77 -3.31 8.56 14.86
CA LYS B 77 -3.30 7.30 14.09
C LYS B 77 -1.86 6.98 13.63
N SER B 78 -1.15 7.93 13.07
CA SER B 78 0.26 7.76 12.67
C SER B 78 1.04 7.25 13.89
N ALA B 79 0.83 7.88 15.06
CA ALA B 79 1.54 7.50 16.30
C ALA B 79 1.23 6.02 16.66
N VAL B 80 -0.05 5.59 16.63
CA VAL B 80 -0.43 4.19 16.94
C VAL B 80 0.30 3.25 15.97
N PHE B 81 0.32 3.62 14.70
CA PHE B 81 0.92 2.67 13.73
C PHE B 81 2.42 2.56 14.04
N LEU B 82 3.09 3.69 14.28
CA LEU B 82 4.54 3.63 14.68
C LEU B 82 4.78 2.76 15.90
N THR B 83 3.93 2.88 16.92
CA THR B 83 4.21 2.13 18.17
C THR B 83 4.01 0.65 17.89
N ILE B 84 3.02 0.33 17.06
CA ILE B 84 2.82 -1.09 16.69
C ILE B 84 4.04 -1.59 15.91
N ILE B 85 4.44 -0.86 14.89
CA ILE B 85 5.56 -1.32 14.02
C ILE B 85 6.82 -1.48 14.89
N GLU B 86 7.11 -0.46 15.67
CA GLU B 86 8.33 -0.47 16.48
C GLU B 86 8.25 -1.60 17.51
N GLY B 87 7.10 -1.76 18.14
CA GLY B 87 7.00 -2.80 19.18
C GLY B 87 7.24 -4.17 18.56
N LEU B 88 6.60 -4.39 17.42
CA LEU B 88 6.73 -5.71 16.76
C LEU B 88 8.15 -5.91 16.22
N GLU B 89 8.79 -4.86 15.74
CA GLU B 89 10.17 -4.94 15.22
C GLU B 89 11.10 -5.47 16.32
N GLY B 90 10.95 -5.02 17.55
CA GLY B 90 11.80 -5.47 18.66
C GLY B 90 11.58 -6.94 18.96
N GLU B 91 10.39 -7.46 18.61
CA GLU B 91 9.97 -8.85 18.90
C GLU B 91 10.21 -9.72 17.68
N GLY B 92 10.94 -9.22 16.68
CA GLY B 92 11.38 -10.06 15.56
C GLY B 92 10.41 -10.06 14.39
N TRP B 93 9.38 -9.19 14.39
CA TRP B 93 8.38 -9.07 13.30
C TRP B 93 8.66 -7.83 12.45
N ASN B 94 8.83 -8.07 11.14
CA ASN B 94 9.30 -7.09 10.15
C ASN B 94 8.13 -6.69 9.26
N LEU B 95 7.95 -5.37 9.13
CA LEU B 95 6.83 -4.85 8.32
C LEU B 95 7.03 -5.10 6.82
N ARG B 96 6.07 -5.75 6.19
CA ARG B 96 6.21 -6.12 4.76
C ARG B 96 5.23 -5.33 3.93
N ALA B 97 4.09 -4.91 4.47
CA ALA B 97 3.08 -4.21 3.64
C ALA B 97 2.02 -3.56 4.50
N SER B 98 1.35 -2.58 3.93
CA SER B 98 0.20 -1.96 4.57
CA SER B 98 0.17 -2.03 4.57
C SER B 98 -0.86 -1.55 3.54
N ASN B 99 -2.11 -1.47 3.95
CA ASN B 99 -3.15 -0.91 3.09
C ASN B 99 -4.25 -0.31 3.93
N SER B 100 -5.03 0.57 3.35
CA SER B 100 -6.11 1.19 4.14
CA SER B 100 -6.05 1.32 4.11
C SER B 100 -7.32 1.53 3.25
N ILE B 101 -8.48 1.53 3.88
CA ILE B 101 -9.71 1.99 3.21
C ILE B 101 -10.46 2.92 4.17
N ARG B 102 -11.41 3.68 3.63
CA ARG B 102 -12.39 4.47 4.40
C ARG B 102 -13.78 4.10 3.92
N ASP B 103 -14.68 3.99 4.90
CA ASP B 103 -16.11 3.71 4.63
C ASP B 103 -16.88 5.01 4.84
N SER B 104 -17.44 5.55 3.76
CA SER B 104 -18.15 6.86 3.74
C SER B 104 -19.42 6.77 4.60
N GLU B 105 -20.05 5.59 4.68
CA GLU B 105 -21.35 5.39 5.36
C GLU B 105 -21.14 5.35 6.89
N SER B 106 -20.20 4.53 7.37
CA SER B 106 -19.85 4.40 8.81
C SER B 106 -18.95 5.54 9.32
N GLY B 107 -18.18 6.18 8.41
CA GLY B 107 -17.20 7.22 8.76
C GLY B 107 -15.96 6.60 9.38
N LYS B 108 -15.75 5.30 9.19
CA LYS B 108 -14.59 4.64 9.80
C LYS B 108 -13.52 4.38 8.73
N ASP B 109 -12.28 4.40 9.16
CA ASP B 109 -11.14 3.98 8.31
C ASP B 109 -10.46 2.75 8.93
N THR B 110 -10.01 1.84 8.08
CA THR B 110 -9.38 0.61 8.51
C THR B 110 -8.04 0.45 7.80
N THR B 111 -6.98 0.24 8.58
CA THR B 111 -5.61 0.03 8.06
C THR B 111 -5.16 -1.36 8.48
N LYS B 112 -4.56 -2.09 7.54
CA LYS B 112 -3.91 -3.35 7.77
C LYS B 112 -2.41 -3.22 7.63
N LEU B 113 -1.72 -3.84 8.57
CA LEU B 113 -0.25 -3.98 8.57
C LEU B 113 0.11 -5.48 8.58
N PHE B 114 1.00 -5.84 7.67
CA PHE B 114 1.39 -7.23 7.48
C PHE B 114 2.86 -7.40 7.82
N PHE B 115 3.17 -8.40 8.64
CA PHE B 115 4.54 -8.61 9.15
C PHE B 115 5.00 -10.05 8.90
N ALA B 116 6.31 -10.22 8.80
CA ALA B 116 6.90 -11.58 8.64
C ALA B 116 8.11 -11.73 9.57
N ARG B 117 8.51 -12.97 9.89
CA ARG B 117 9.77 -13.19 10.63
C ARG B 117 10.97 -13.12 9.68
N ARG B 118 12.19 -12.92 10.21
CA ARG B 118 13.47 -12.97 9.44
C ARG B 118 14.25 -14.23 9.80
N GLY C 1 24.53 5.57 -1.90
CA GLY C 1 25.03 6.73 -1.05
C GLY C 1 23.91 7.74 -0.81
N SER C 2 23.30 8.19 -1.91
CA SER C 2 22.43 9.37 -1.82
C SER C 2 20.94 8.96 -1.97
N HIS C 3 20.60 7.66 -2.16
CA HIS C 3 21.38 6.56 -2.76
C HIS C 3 21.32 6.60 -4.28
N MET C 4 20.39 5.84 -4.87
CA MET C 4 19.99 6.01 -6.29
C MET C 4 18.57 6.58 -6.33
N PRO C 5 18.17 7.17 -7.46
CA PRO C 5 16.88 7.81 -7.56
C PRO C 5 15.81 6.73 -7.34
N ASN C 6 14.59 7.20 -7.28
CA ASN C 6 13.40 6.35 -7.09
C ASN C 6 12.49 6.61 -8.31
N LEU C 7 11.45 5.82 -8.42
CA LEU C 7 10.47 5.92 -9.50
C LEU C 7 9.11 5.82 -8.88
N CYS C 8 8.18 6.61 -9.38
CA CYS C 8 6.76 6.52 -9.01
C CYS C 8 5.96 6.27 -10.28
N VAL C 9 5.17 5.20 -10.29
CA VAL C 9 4.25 4.98 -11.41
C VAL C 9 2.84 5.12 -10.82
N SER C 10 2.01 5.90 -11.50
CA SER C 10 0.63 6.07 -11.02
C SER C 10 -0.30 5.63 -12.14
N ALA C 11 -1.40 5.01 -11.76
CA ALA C 11 -2.38 4.56 -12.77
C ALA C 11 -3.76 4.96 -12.23
N THR C 12 -4.52 5.66 -13.08
CA THR C 12 -5.89 6.04 -12.80
C THR C 12 -6.77 5.36 -13.83
N PHE C 13 -7.88 4.86 -13.36
CA PHE C 13 -8.93 4.23 -14.18
C PHE C 13 -10.29 4.81 -13.78
N ASN C 14 -11.27 5.00 -14.69
CA ASN C 14 -11.18 4.93 -16.14
C ASN C 14 -11.46 6.30 -16.73
N PRO C 15 -10.98 6.59 -17.96
CA PRO C 15 -10.21 5.64 -18.73
C PRO C 15 -8.78 5.49 -18.21
N PRO C 16 -8.07 4.45 -18.64
CA PRO C 16 -6.76 4.10 -18.10
C PRO C 16 -5.69 5.11 -18.50
N VAL C 17 -5.08 5.74 -17.48
CA VAL C 17 -3.99 6.74 -17.71
C VAL C 17 -2.84 6.37 -16.80
N ILE C 18 -1.69 6.11 -17.40
CA ILE C 18 -0.50 5.68 -16.64
C ILE C 18 0.54 6.81 -16.74
N THR C 19 1.05 7.26 -15.61
CA THR C 19 2.11 8.28 -15.53
C THR C 19 3.32 7.70 -14.81
N MET C 20 4.51 8.08 -15.24
CA MET C 20 5.77 7.61 -14.67
C MET C 20 6.65 8.79 -14.37
N LEU C 21 7.07 8.93 -13.11
CA LEU C 21 7.96 10.02 -12.63
C LEU C 21 9.22 9.41 -12.09
N GLY C 22 10.33 10.09 -12.34
CA GLY C 22 11.65 9.66 -11.87
C GLY C 22 12.75 10.16 -12.78
N SER C 23 13.72 10.92 -12.26
CA SER C 23 14.83 11.57 -13.03
C SER C 23 15.62 10.52 -13.80
N ALA C 24 15.86 9.36 -13.21
CA ALA C 24 16.73 8.29 -13.74
C ALA C 24 16.01 7.26 -14.60
N LEU C 25 14.76 7.51 -14.96
CA LEU C 25 13.99 6.63 -15.87
C LEU C 25 14.54 6.83 -17.29
N ARG C 26 15.07 5.78 -17.91
CA ARG C 26 15.62 5.90 -19.26
C ARG C 26 14.58 5.61 -20.35
N GLU C 27 14.77 6.17 -21.54
CA GLU C 27 13.75 6.02 -22.61
C GLU C 27 13.64 4.52 -22.96
N GLU C 28 14.74 3.78 -22.91
CA GLU C 28 14.73 2.35 -23.26
C GLU C 28 13.68 1.65 -22.37
N THR C 29 13.57 2.05 -21.09
CA THR C 29 12.67 1.38 -20.14
C THR C 29 11.21 1.73 -20.49
N VAL C 30 11.00 3.00 -20.85
CA VAL C 30 9.67 3.50 -21.25
C VAL C 30 9.22 2.65 -22.46
N LYS C 31 10.10 2.53 -23.44
CA LYS C 31 9.80 1.80 -24.70
C LYS C 31 9.49 0.32 -24.39
N LEU C 32 10.18 -0.28 -23.42
CA LEU C 32 9.90 -1.69 -23.08
C LEU C 32 8.49 -1.75 -22.47
N LEU C 33 8.16 -0.83 -21.59
CA LEU C 33 6.80 -0.82 -21.01
C LEU C 33 5.71 -0.52 -22.04
N GLU C 34 5.99 0.35 -23.00
CA GLU C 34 5.08 0.66 -24.13
C GLU C 34 4.62 -0.66 -24.76
N GLN C 35 5.55 -1.58 -24.99
CA GLN C 35 5.29 -2.86 -25.70
C GLN C 35 4.55 -3.83 -24.78
N ARG C 36 4.88 -3.84 -23.49
CA ARG C 36 4.37 -4.85 -22.52
C ARG C 36 2.93 -4.55 -22.07
N ILE C 37 2.59 -3.28 -21.85
CA ILE C 37 1.32 -2.91 -21.16
C ILE C 37 0.14 -3.32 -22.03
N PRO C 38 -0.04 -2.82 -23.28
CA PRO C 38 -1.24 -3.20 -24.03
C PRO C 38 -1.25 -4.72 -24.27
N THR C 39 -0.06 -5.34 -24.26
CA THR C 39 0.16 -6.81 -24.16
C THR C 39 1.24 -7.22 -25.18
N ASP C 50 -2.96 1.02 -34.42
CA ASP C 50 -1.70 1.77 -34.17
C ASP C 50 -1.40 1.80 -32.68
N PRO C 51 -0.23 1.27 -32.23
CA PRO C 51 0.05 1.11 -30.79
C PRO C 51 0.11 2.45 -30.04
N VAL C 52 -0.35 2.48 -28.77
CA VAL C 52 -0.30 3.72 -27.96
C VAL C 52 1.09 3.88 -27.38
N LYS C 53 1.45 5.14 -27.12
CA LYS C 53 2.82 5.56 -26.76
C LYS C 53 2.78 6.35 -25.45
N PHE C 54 3.87 6.31 -24.73
CA PHE C 54 4.15 7.31 -23.71
C PHE C 54 4.63 8.60 -24.35
N LEU C 55 4.04 9.70 -23.90
CA LEU C 55 4.47 11.07 -24.22
C LEU C 55 5.13 11.75 -23.02
N PHE C 56 6.19 12.53 -23.29
CA PHE C 56 6.94 13.24 -22.25
C PHE C 56 6.36 14.64 -22.04
N TYR C 57 6.23 15.01 -20.76
CA TYR C 57 5.92 16.39 -20.34
C TYR C 57 6.80 16.85 -19.18
N PRO C 58 7.28 18.11 -19.20
CA PRO C 58 8.08 18.65 -18.12
C PRO C 58 7.22 19.20 -16.97
N ASN C 59 7.85 19.42 -15.82
CA ASN C 59 7.35 20.30 -14.73
C ASN C 59 5.99 19.84 -14.12
N PRO C 60 5.94 18.63 -13.46
CA PRO C 60 7.10 17.81 -13.18
C PRO C 60 7.35 16.90 -14.37
N ASP C 61 8.62 16.60 -14.60
CA ASP C 61 9.05 15.74 -15.72
C ASP C 61 8.42 14.38 -15.53
N HIS C 62 7.72 13.91 -16.56
CA HIS C 62 7.11 12.58 -16.54
C HIS C 62 6.72 12.12 -17.93
N TRP C 63 6.38 10.83 -18.01
CA TRP C 63 5.83 10.13 -19.17
C TRP C 63 4.39 9.74 -18.90
N ARG C 64 3.53 9.96 -19.89
CA ARG C 64 2.09 9.69 -19.78
C ARG C 64 1.59 8.85 -20.94
N MET C 65 0.87 7.80 -20.62
CA MET C 65 0.18 6.96 -21.63
C MET C 65 -1.30 6.87 -21.29
N GLU C 66 -2.18 7.08 -22.27
CA GLU C 66 -3.58 6.65 -22.10
C GLU C 66 -3.84 5.44 -23.00
N LEU C 67 -4.42 4.37 -22.45
CA LEU C 67 -4.86 3.18 -23.27
C LEU C 67 -6.17 3.51 -24.02
N SER C 68 -6.30 3.08 -25.26
CA SER C 68 -7.09 3.82 -26.29
C SER C 68 -8.63 3.82 -26.05
N GLN C 69 -9.10 4.53 -25.00
CA GLN C 69 -10.52 4.91 -24.73
C GLN C 69 -11.20 3.76 -23.97
N HIS C 70 -10.43 2.71 -23.73
CA HIS C 70 -10.84 1.51 -22.99
C HIS C 70 -11.42 1.93 -21.65
N PHE C 71 -12.17 1.00 -21.13
CA PHE C 71 -12.45 0.82 -19.70
C PHE C 71 -11.66 -0.44 -19.30
N CSO C 72 -10.88 -0.40 -18.20
CA CSO C 72 -10.29 -1.60 -17.53
CB CSO C 72 -8.81 -1.55 -17.11
SG CSO C 72 -7.68 -0.91 -18.31
C CSO C 72 -10.89 -1.81 -16.12
O CSO C 72 -11.77 -1.03 -15.71
OD CSO C 72 -7.16 -2.10 -19.35
N ASP C 73 -11.51 -3.42 -16.52
CA ASP C 73 -12.20 -3.99 -15.34
C ASP C 73 -11.16 -4.28 -14.27
N ASP C 74 -11.61 -4.70 -13.09
CA ASP C 74 -10.66 -4.85 -11.98
C ASP C 74 -9.57 -5.86 -12.36
N LEU C 75 -9.97 -6.91 -13.05
CA LEU C 75 -9.00 -7.94 -13.47
C LEU C 75 -7.93 -7.32 -14.38
N HIS C 76 -8.34 -6.45 -15.31
CA HIS C 76 -7.39 -5.86 -16.26
C HIS C 76 -6.47 -4.87 -15.51
N LYS C 77 -6.97 -4.23 -14.47
CA LYS C 77 -6.16 -3.31 -13.66
C LYS C 77 -5.03 -4.15 -12.99
N SER C 78 -5.35 -5.34 -12.42
CA SER C 78 -4.35 -6.23 -11.80
C SER C 78 -3.30 -6.56 -12.85
N ALA C 79 -3.74 -6.92 -14.05
CA ALA C 79 -2.80 -7.27 -15.14
C ALA C 79 -1.88 -6.09 -15.49
N VAL C 80 -2.38 -4.90 -15.58
CA VAL C 80 -1.53 -3.71 -15.90
C VAL C 80 -0.49 -3.55 -14.79
N PHE C 81 -0.93 -3.66 -13.56
CA PHE C 81 0.05 -3.46 -12.45
C PHE C 81 1.13 -4.54 -12.53
N LEU C 82 0.72 -5.83 -12.68
CA LEU C 82 1.74 -6.90 -12.76
C LEU C 82 2.74 -6.67 -13.90
N THR C 83 2.25 -6.28 -15.06
CA THR C 83 3.16 -6.13 -16.24
CA THR C 83 3.10 -6.08 -16.25
C THR C 83 4.12 -4.95 -15.99
N ILE C 84 3.65 -3.87 -15.36
CA ILE C 84 4.54 -2.73 -14.98
C ILE C 84 5.61 -3.25 -14.01
N ILE C 85 5.17 -3.96 -12.99
CA ILE C 85 6.15 -4.41 -11.95
C ILE C 85 7.18 -5.34 -12.61
N GLU C 86 6.70 -6.29 -13.38
CA GLU C 86 7.57 -7.30 -14.02
C GLU C 86 8.56 -6.60 -14.97
N GLY C 87 8.05 -5.67 -15.71
CA GLY C 87 8.91 -4.99 -16.69
C GLY C 87 9.98 -4.16 -16.04
N LEU C 88 9.60 -3.40 -15.01
CA LEU C 88 10.55 -2.59 -14.25
C LEU C 88 11.53 -3.48 -13.49
N GLU C 89 11.11 -4.65 -13.00
CA GLU C 89 12.04 -5.51 -12.22
C GLU C 89 13.18 -5.89 -13.17
N GLY C 90 12.88 -6.26 -14.42
CA GLY C 90 13.91 -6.66 -15.39
C GLY C 90 14.87 -5.53 -15.72
N GLU C 91 14.40 -4.27 -15.58
CA GLU C 91 15.18 -3.03 -15.83
C GLU C 91 15.88 -2.52 -14.57
N GLY C 92 15.85 -3.26 -13.46
CA GLY C 92 16.64 -2.99 -12.25
C GLY C 92 15.88 -2.12 -11.27
N TRP C 93 14.56 -2.07 -11.39
CA TRP C 93 13.69 -1.27 -10.49
C TRP C 93 12.85 -2.24 -9.64
N ASN C 94 13.02 -2.10 -8.33
CA ASN C 94 12.48 -3.05 -7.33
CA ASN C 94 12.54 -3.00 -7.26
C ASN C 94 11.27 -2.39 -6.66
N LEU C 95 10.16 -3.12 -6.58
CA LEU C 95 8.92 -2.58 -5.97
C LEU C 95 9.09 -2.49 -4.48
N ARG C 96 8.83 -1.31 -3.92
CA ARG C 96 8.98 -1.06 -2.50
C ARG C 96 7.64 -0.82 -1.80
N ALA C 97 6.68 -0.23 -2.50
CA ALA C 97 5.44 0.16 -1.83
C ALA C 97 4.34 0.42 -2.86
N SER C 98 3.10 0.31 -2.41
CA SER C 98 1.98 0.69 -3.27
C SER C 98 0.85 1.25 -2.39
N ASN C 99 -0.01 2.08 -2.96
CA ASN C 99 -1.24 2.55 -2.27
C ASN C 99 -2.29 2.88 -3.32
N SER C 100 -3.51 2.92 -2.89
CA SER C 100 -4.60 3.27 -3.81
CA SER C 100 -4.64 3.17 -3.78
C SER C 100 -5.71 3.99 -3.05
N ILE C 101 -6.45 4.79 -3.84
CA ILE C 101 -7.69 5.42 -3.36
C ILE C 101 -8.78 5.30 -4.42
N ARG C 102 -10.02 5.50 -4.02
CA ARG C 102 -11.13 5.66 -4.98
C ARG C 102 -11.84 6.96 -4.68
N ASP C 103 -12.23 7.66 -5.73
CA ASP C 103 -12.93 8.97 -5.65
C ASP C 103 -14.38 8.67 -6.01
N SER C 104 -15.26 8.76 -5.03
CA SER C 104 -16.69 8.36 -5.15
CA SER C 104 -16.69 8.35 -5.18
C SER C 104 -17.40 9.28 -6.16
N GLU C 105 -16.92 10.51 -6.33
CA GLU C 105 -17.63 11.55 -7.12
C GLU C 105 -17.25 11.46 -8.62
N SER C 106 -15.98 11.25 -8.93
CA SER C 106 -15.50 11.00 -10.31
C SER C 106 -15.72 9.53 -10.69
N GLY C 107 -15.78 8.64 -9.70
CA GLY C 107 -15.86 7.18 -9.89
C GLY C 107 -14.53 6.59 -10.33
N LYS C 108 -13.41 7.30 -10.15
CA LYS C 108 -12.08 6.85 -10.63
C LYS C 108 -11.24 6.34 -9.47
N ASP C 109 -10.42 5.37 -9.75
CA ASP C 109 -9.49 4.86 -8.72
C ASP C 109 -8.06 5.12 -9.15
N THR C 110 -7.20 5.46 -8.20
CA THR C 110 -5.81 5.76 -8.49
C THR C 110 -4.92 4.88 -7.64
N THR C 111 -3.89 4.31 -8.24
CA THR C 111 -2.95 3.46 -7.58
C THR C 111 -1.54 3.97 -7.87
N LYS C 112 -0.73 4.06 -6.83
CA LYS C 112 0.65 4.42 -6.93
C LYS C 112 1.56 3.22 -6.59
N LEU C 113 2.63 3.09 -7.37
CA LEU C 113 3.63 2.02 -7.19
C LEU C 113 4.97 2.77 -7.05
N PHE C 114 5.73 2.45 -6.03
CA PHE C 114 7.02 3.13 -5.80
C PHE C 114 8.16 2.12 -5.89
N PHE C 115 9.19 2.49 -6.64
CA PHE C 115 10.31 1.59 -6.98
C PHE C 115 11.67 2.19 -6.59
N ALA C 116 12.60 1.33 -6.20
CA ALA C 116 13.98 1.76 -5.91
C ALA C 116 14.96 0.91 -6.71
N ARG C 117 16.17 1.42 -6.92
CA ARG C 117 17.21 0.60 -7.60
C ARG C 117 17.70 -0.49 -6.65
N ARG C 118 18.22 -1.60 -7.16
CA ARG C 118 18.43 -2.87 -6.42
C ARG C 118 19.55 -2.75 -5.37
N HIS D 3 16.02 -2.25 15.81
CA HIS D 3 16.04 -1.58 17.15
C HIS D 3 15.63 -0.11 17.08
N MET D 4 15.61 0.50 15.89
CA MET D 4 15.60 1.98 15.82
C MET D 4 14.19 2.51 15.60
N PRO D 5 13.83 3.69 16.15
CA PRO D 5 12.58 4.31 15.77
C PRO D 5 12.37 4.36 14.26
N ASN D 6 11.10 4.25 13.93
CA ASN D 6 10.64 4.36 12.53
C ASN D 6 10.16 5.80 12.33
N LEU D 7 9.79 6.12 11.10
CA LEU D 7 9.32 7.46 10.68
C LEU D 7 8.03 7.28 9.88
N CYS D 8 7.06 8.15 10.11
CA CYS D 8 5.82 8.21 9.32
C CYS D 8 5.72 9.59 8.72
N VAL D 9 5.65 9.67 7.41
CA VAL D 9 5.32 10.95 6.74
C VAL D 9 3.91 10.82 6.18
N SER D 10 3.05 11.76 6.51
CA SER D 10 1.65 11.81 6.07
C SER D 10 1.42 13.06 5.22
N ALA D 11 0.77 12.89 4.07
CA ALA D 11 0.49 14.01 3.18
C ALA D 11 -1.02 13.97 2.92
N THR D 12 -1.66 15.09 3.17
CA THR D 12 -3.09 15.28 2.87
C THR D 12 -3.29 16.40 1.86
N PHE D 13 -4.24 16.21 0.95
CA PHE D 13 -4.52 17.22 -0.10
C PHE D 13 -6.04 17.33 -0.20
N ASN D 14 -6.63 18.50 -0.48
CA ASN D 14 -6.00 19.78 -0.67
C ASN D 14 -6.66 20.79 0.28
N PRO D 15 -5.96 21.88 0.66
CA PRO D 15 -4.58 22.21 0.29
C PRO D 15 -3.55 21.26 0.89
N PRO D 16 -2.36 21.22 0.27
CA PRO D 16 -1.35 20.24 0.67
C PRO D 16 -0.74 20.52 2.03
N VAL D 17 -0.81 19.51 2.88
CA VAL D 17 -0.24 19.56 4.24
C VAL D 17 0.57 18.29 4.48
N ILE D 18 1.79 18.46 4.90
CA ILE D 18 2.74 17.34 5.11
C ILE D 18 3.13 17.30 6.56
N THR D 19 2.99 16.14 7.18
CA THR D 19 3.38 15.98 8.59
CA THR D 19 3.35 15.96 8.58
C THR D 19 4.41 14.88 8.70
N MET D 20 5.35 15.06 9.57
CA MET D 20 6.43 14.07 9.82
C MET D 20 6.45 13.73 11.29
N LEU D 21 6.44 12.46 11.61
CA LEU D 21 6.41 11.97 12.99
C LEU D 21 7.46 10.89 13.13
N GLY D 22 8.39 11.08 14.01
CA GLY D 22 9.41 10.07 14.26
C GLY D 22 10.34 10.59 15.36
N SER D 23 10.50 9.79 16.38
CA SER D 23 11.24 10.14 17.62
C SER D 23 12.72 10.41 17.33
N ALA D 24 13.30 9.87 16.24
CA ALA D 24 14.72 9.96 15.85
C ALA D 24 14.94 10.88 14.66
N LEU D 25 13.94 11.65 14.25
CA LEU D 25 14.04 12.50 13.05
C LEU D 25 14.93 13.69 13.40
N ARG D 26 16.02 13.90 12.64
CA ARG D 26 16.95 15.06 12.85
C ARG D 26 16.45 16.30 12.11
N GLU D 27 16.71 17.46 12.69
CA GLU D 27 16.27 18.73 12.08
C GLU D 27 16.95 18.93 10.72
N GLU D 28 18.18 18.44 10.54
CA GLU D 28 18.78 18.66 9.21
C GLU D 28 17.97 17.97 8.13
N THR D 29 17.39 16.82 8.48
CA THR D 29 16.57 16.06 7.50
C THR D 29 15.34 16.90 7.14
N VAL D 30 14.73 17.50 8.16
CA VAL D 30 13.50 18.33 7.99
C VAL D 30 13.86 19.51 7.10
N LYS D 31 15.00 20.12 7.33
CA LYS D 31 15.36 21.30 6.55
C LYS D 31 15.67 20.88 5.10
N LEU D 32 16.28 19.71 4.90
CA LEU D 32 16.55 19.21 3.54
CA LEU D 32 16.54 19.15 3.55
C LEU D 32 15.22 19.06 2.81
N LEU D 33 14.23 18.44 3.47
CA LEU D 33 12.94 18.28 2.78
C LEU D 33 12.27 19.60 2.51
N GLU D 34 12.39 20.51 3.46
CA GLU D 34 11.84 21.87 3.37
C GLU D 34 12.25 22.53 2.06
N GLN D 35 13.50 22.31 1.62
CA GLN D 35 14.03 22.92 0.38
C GLN D 35 13.56 22.08 -0.83
N ARG D 36 13.59 20.74 -0.72
CA ARG D 36 13.37 19.80 -1.86
C ARG D 36 11.89 19.78 -2.28
N ILE D 37 10.96 19.86 -1.33
CA ILE D 37 9.50 19.69 -1.65
C ILE D 37 8.94 20.77 -2.56
N PRO D 38 9.06 22.07 -2.23
CA PRO D 38 8.50 23.10 -3.11
C PRO D 38 9.19 23.06 -4.49
N THR D 39 10.48 22.67 -4.51
CA THR D 39 11.35 22.54 -5.71
C THR D 39 10.85 21.43 -6.63
N GLY D 40 10.43 20.27 -6.09
CA GLY D 40 9.89 19.13 -6.87
C GLY D 40 8.56 19.48 -7.53
N VAL D 41 7.83 20.42 -6.92
CA VAL D 41 6.48 20.90 -7.36
C VAL D 41 6.59 22.37 -7.81
N VAL D 52 6.22 26.36 2.92
CA VAL D 52 7.53 27.08 2.89
C VAL D 52 8.44 26.55 4.01
N LYS D 53 7.95 26.49 5.27
CA LYS D 53 8.73 25.87 6.38
C LYS D 53 7.92 24.73 7.01
N PHE D 54 8.66 23.75 7.52
CA PHE D 54 8.13 22.81 8.50
C PHE D 54 8.21 23.51 9.87
N LEU D 55 7.10 23.48 10.58
CA LEU D 55 6.99 24.04 11.96
C LEU D 55 6.86 22.87 12.92
N PHE D 56 7.45 23.02 14.09
CA PHE D 56 7.47 22.00 15.14
C PHE D 56 6.27 22.22 16.06
N TYR D 57 5.61 21.13 16.42
CA TYR D 57 4.49 21.11 17.40
C TYR D 57 4.66 19.93 18.36
N PRO D 58 4.12 19.98 19.60
CA PRO D 58 4.19 18.81 20.49
C PRO D 58 2.95 17.87 20.49
N ASN D 59 3.06 16.76 21.23
CA ASN D 59 1.92 15.94 21.72
C ASN D 59 1.17 15.33 20.55
N PRO D 60 1.77 14.38 19.78
CA PRO D 60 3.19 14.02 19.89
C PRO D 60 4.11 15.00 19.12
N ASP D 61 5.39 15.11 19.47
CA ASP D 61 6.37 15.95 18.74
C ASP D 61 6.28 15.60 17.27
N HIS D 62 6.05 16.60 16.42
CA HIS D 62 5.97 16.38 14.98
C HIS D 62 6.29 17.67 14.25
N TRP D 63 6.46 17.54 12.95
CA TRP D 63 6.75 18.65 12.04
C TRP D 63 5.61 18.74 11.06
N ARG D 64 5.21 19.97 10.76
CA ARG D 64 4.03 20.21 9.89
C ARG D 64 4.39 21.30 8.91
N MET D 65 4.17 21.05 7.63
CA MET D 65 4.34 22.05 6.56
C MET D 65 2.97 22.24 5.85
N GLU D 66 2.52 23.47 5.70
CA GLU D 66 1.46 23.84 4.71
C GLU D 66 2.17 24.29 3.44
N LEU D 67 2.23 23.38 2.48
CA LEU D 67 3.16 23.46 1.32
C LEU D 67 2.73 24.63 0.45
N SER D 68 1.42 24.81 0.30
CA SER D 68 0.88 25.87 -0.57
C SER D 68 -0.57 26.09 -0.20
N GLN D 69 -1.13 27.26 -0.56
CA GLN D 69 -2.60 27.45 -0.55
C GLN D 69 -3.15 26.88 -1.86
N HIS D 70 -2.31 26.72 -2.87
CA HIS D 70 -2.72 26.18 -4.20
C HIS D 70 -2.89 24.67 -4.08
N PHE D 71 -3.84 24.15 -4.85
CA PHE D 71 -4.23 22.74 -4.89
C PHE D 71 -3.24 22.00 -5.82
N CSO D 72 -2.72 20.88 -5.33
CA CSO D 72 -1.94 19.88 -6.11
CB CSO D 72 -1.11 19.00 -5.21
SG CSO D 72 0.08 19.88 -4.18
C CSO D 72 -2.90 18.94 -6.88
O CSO D 72 -3.75 18.27 -6.27
OD CSO D 72 1.23 20.42 -5.28
N ASP D 73 -2.70 18.80 -8.19
CA ASP D 73 -3.41 17.76 -8.98
C ASP D 73 -2.69 16.42 -8.72
N ASP D 74 -3.15 15.32 -9.34
CA ASP D 74 -2.59 13.97 -9.04
C ASP D 74 -1.09 13.95 -9.39
N LEU D 75 -0.74 14.53 -10.54
CA LEU D 75 0.67 14.52 -10.98
C LEU D 75 1.54 15.19 -9.92
N HIS D 76 1.10 16.34 -9.40
CA HIS D 76 1.95 17.05 -8.42
C HIS D 76 1.96 16.27 -7.10
N LYS D 77 0.90 15.57 -6.78
CA LYS D 77 0.96 14.67 -5.57
C LYS D 77 2.06 13.61 -5.75
N SER D 78 2.09 12.96 -6.93
CA SER D 78 3.13 11.98 -7.27
C SER D 78 4.53 12.57 -7.04
N ALA D 79 4.68 13.80 -7.55
CA ALA D 79 5.97 14.48 -7.48
C ALA D 79 6.34 14.79 -6.02
N VAL D 80 5.38 15.19 -5.19
CA VAL D 80 5.64 15.40 -3.73
C VAL D 80 6.10 14.08 -3.08
N PHE D 81 5.43 12.98 -3.37
CA PHE D 81 5.79 11.70 -2.76
C PHE D 81 7.22 11.35 -3.13
N LEU D 82 7.49 11.45 -4.42
CA LEU D 82 8.81 11.02 -4.91
C LEU D 82 9.90 11.87 -4.25
N THR D 83 9.68 13.18 -4.13
CA THR D 83 10.75 14.05 -3.60
C THR D 83 10.94 13.72 -2.10
N ILE D 84 9.86 13.40 -1.41
CA ILE D 84 9.98 12.98 0.00
C ILE D 84 10.79 11.69 0.08
N ILE D 85 10.43 10.72 -0.75
CA ILE D 85 11.11 9.38 -0.63
C ILE D 85 12.60 9.57 -0.96
N GLU D 86 12.89 10.29 -2.04
CA GLU D 86 14.32 10.48 -2.49
C GLU D 86 15.12 11.24 -1.43
N GLY D 87 14.52 12.27 -0.86
CA GLY D 87 15.28 13.02 0.13
C GLY D 87 15.55 12.18 1.37
N LEU D 88 14.55 11.44 1.83
CA LEU D 88 14.72 10.60 3.03
C LEU D 88 15.70 9.47 2.78
N GLU D 89 15.66 8.87 1.60
CA GLU D 89 16.63 7.79 1.31
C GLU D 89 18.08 8.31 1.48
N GLY D 90 18.39 9.48 0.96
CA GLY D 90 19.74 10.06 1.10
C GLY D 90 20.12 10.34 2.56
N GLU D 91 19.12 10.48 3.44
CA GLU D 91 19.32 10.71 4.89
C GLU D 91 19.28 9.41 5.66
N GLY D 92 19.20 8.27 4.96
CA GLY D 92 19.26 6.98 5.67
C GLY D 92 17.91 6.46 6.11
N TRP D 93 16.84 6.98 5.53
CA TRP D 93 15.49 6.47 5.85
C TRP D 93 14.92 5.75 4.63
N ASN D 94 14.74 4.44 4.75
CA ASN D 94 14.31 3.52 3.67
C ASN D 94 12.79 3.34 3.69
N LEU D 95 12.17 3.42 2.54
CA LEU D 95 10.71 3.25 2.42
C LEU D 95 10.36 1.78 2.63
N ARG D 96 9.44 1.55 3.54
CA ARG D 96 8.98 0.16 3.87
C ARG D 96 7.54 -0.12 3.41
N ALA D 97 6.65 0.88 3.45
CA ALA D 97 5.24 0.64 3.17
C ALA D 97 4.57 2.00 2.94
N SER D 98 3.42 1.91 2.32
CA SER D 98 2.56 3.08 2.16
CA SER D 98 2.56 3.08 2.18
C SER D 98 1.10 2.65 2.19
N ASN D 99 0.21 3.61 2.46
CA ASN D 99 -1.23 3.37 2.42
C ASN D 99 -1.91 4.72 2.21
N SER D 100 -3.12 4.62 1.71
CA SER D 100 -3.89 5.85 1.44
CA SER D 100 -3.89 5.82 1.33
C SER D 100 -5.37 5.63 1.57
N ILE D 101 -6.04 6.76 1.84
CA ILE D 101 -7.51 6.78 1.87
C ILE D 101 -8.01 8.10 1.23
N ARG D 102 -9.29 8.09 0.81
CA ARG D 102 -9.94 9.34 0.42
C ARG D 102 -11.22 9.49 1.20
N ASP D 103 -11.45 10.70 1.71
CA ASP D 103 -12.73 11.03 2.40
C ASP D 103 -13.65 11.82 1.45
N SER D 104 -14.80 11.22 1.13
CA SER D 104 -15.75 11.76 0.11
C SER D 104 -16.41 13.02 0.66
N GLU D 105 -16.68 13.07 1.97
CA GLU D 105 -17.34 14.25 2.58
C GLU D 105 -16.39 15.45 2.54
N SER D 106 -15.16 15.30 3.02
CA SER D 106 -14.22 16.43 3.10
C SER D 106 -13.57 16.66 1.75
N GLY D 107 -13.56 15.63 0.90
CA GLY D 107 -12.89 15.66 -0.40
C GLY D 107 -11.37 15.60 -0.29
N LYS D 108 -10.86 15.14 0.85
CA LYS D 108 -9.39 15.10 1.03
C LYS D 108 -8.85 13.69 0.95
N ASP D 109 -7.65 13.54 0.39
CA ASP D 109 -6.98 12.22 0.35
C ASP D 109 -5.74 12.34 1.21
N THR D 110 -5.47 11.24 1.94
CA THR D 110 -4.37 11.17 2.93
C THR D 110 -3.54 9.91 2.58
N THR D 111 -2.29 10.14 2.38
CA THR D 111 -1.29 9.11 2.11
C THR D 111 -0.22 9.06 3.19
N LYS D 112 0.02 7.88 3.73
CA LYS D 112 1.08 7.63 4.74
C LYS D 112 2.23 6.78 4.16
N LEU D 113 3.44 7.24 4.44
CA LEU D 113 4.70 6.62 4.02
C LEU D 113 5.46 6.25 5.26
N PHE D 114 5.85 4.98 5.36
CA PHE D 114 6.55 4.47 6.55
C PHE D 114 8.00 4.13 6.20
N PHE D 115 8.96 4.62 7.00
CA PHE D 115 10.41 4.50 6.74
C PHE D 115 11.09 3.93 7.96
N ALA D 116 12.21 3.29 7.70
CA ALA D 116 13.07 2.68 8.72
C ALA D 116 14.53 2.92 8.36
N ARG D 117 15.41 2.85 9.35
CA ARG D 117 16.87 2.92 9.10
C ARG D 117 17.39 1.58 8.53
I IOD E . 3.16 -1.52 0.83
K K F . 6.64 -3.05 1.10
MG MG G . -6.47 2.70 0.08
MG MG H . 0.32 -0.31 0.60
CL CL I . -3.79 1.51 0.29
I IOD J . -10.26 4.40 -0.20
#